data_6QDH
#
_entry.id   6QDH
#
_cell.length_a   48.907
_cell.length_b   91.592
_cell.length_c   53.929
_cell.angle_alpha   90.00
_cell.angle_beta   113.68
_cell.angle_gamma   90.00
#
_symmetry.space_group_name_H-M   'P 1 21 1'
#
loop_
_entity.id
_entity.type
_entity.pdbx_description
1 polymer 'Glycylpeptide N-tetradecanoyltransferase'
2 non-polymer TETRADECANOYL-COA
3 non-polymer 4-[ethyl(methyl)amino]-2-[methyl-(1-methylpiperidin-4-yl)amino]-~{N}-(1,3,5-trimethylpyrazol-4-yl)quinazoline-6-sulfonamide
4 non-polymer ~{N}-(1,3,5-trimethylpyrazol-4-yl)methanesulfonamide
5 non-polymer ~{N}4-ethyl-~{N}2,~{N}4-dimethyl-~{N}2-(1-methylpiperidin-4-yl)quinazoline-2,4-diamine
6 non-polymer 'MAGNESIUM ION'
7 water water
#
_entity_poly.entity_id   1
_entity_poly.type   'polypeptide(L)'
_entity_poly.pdbx_seq_one_letter_code
;MSRNPSNSDAAHAFWSTQPVPQTEDETEKIVFAGPMDEPKTVADIPEEPYPIASTFEWWTPNMEAADDIHAIYELLRDNY
VEDDDSMFRFNYSEEFLQWALCPPNYIPDWHVAVRRKADKKLLAFIAGVPVTLRMGTPKYMKVKAQEKGEGEEAAKYDEP
RHICEINFLCVHKQLREKRLAPILIKEATRRVNRTNVWQAVYTAGVLLPTPYASGQYFHRSLNPEKLVEIRFSGIPAQYQ
KFQNPMAMLKRNYQLPSAPKNSGLREMKPSDVPQVRRILMNYLDSFDVGPVFSDAEISHYLLPRDGVVFTYVVENDKKVT
DFFSFYRIPSTVIGNSNYNLLNAAYVHYYAATSIPLHQLILDLLIVAHSRGFDVCNMVEILDNRSFVEQLKFGAGDGHLR
YYFYNWAYPKIKPSQVALVML
;
_entity_poly.pdbx_strand_id   A
#
loop_
_chem_comp.id
_chem_comp.type
_chem_comp.name
_chem_comp.formula
HXQ non-polymer 4-[ethyl(methyl)amino]-2-[methyl-(1-methylpiperidin-4-yl)amino]-~{N}-(1,3,5-trimethylpyrazol-4-yl)quinazoline-6-sulfonamide 'C24 H36 N8 O2 S'
HZ5 non-polymer ~{N}-(1,3,5-trimethylpyrazol-4-yl)methanesulfonamide 'C7 H13 N3 O2 S'
HZ8 non-polymer ~{N}4-ethyl-~{N}2,~{N}4-dimethyl-~{N}2-(1-methylpiperidin-4-yl)quinazoline-2,4-diamine 'C18 H27 N5'
MG non-polymer 'MAGNESIUM ION' 'Mg 2'
MYA non-polymer TETRADECANOYL-COA 'C35 H62 N7 O17 P3 S'
#
# COMPACT_ATOMS: atom_id res chain seq x y z
N ALA A 11 -23.16 -17.42 2.42
CA ALA A 11 -23.13 -15.94 2.24
C ALA A 11 -21.92 -15.51 1.41
N HIS A 12 -20.87 -16.35 1.32
CA HIS A 12 -19.74 -16.08 0.44
C HIS A 12 -19.47 -17.28 -0.46
N ALA A 13 -20.11 -17.31 -1.63
CA ALA A 13 -20.05 -18.48 -2.48
C ALA A 13 -18.61 -18.70 -2.96
N PHE A 14 -17.81 -17.64 -3.08
CA PHE A 14 -16.42 -17.86 -3.49
C PHE A 14 -15.50 -17.98 -2.27
N TRP A 15 -15.49 -16.98 -1.37
CA TRP A 15 -14.55 -17.00 -0.26
C TRP A 15 -14.71 -18.18 0.71
N SER A 16 -15.92 -18.75 0.84
CA SER A 16 -16.13 -19.98 1.59
C SER A 16 -15.34 -21.17 1.02
N THR A 17 -14.88 -21.10 -0.23
CA THR A 17 -14.18 -22.23 -0.86
C THR A 17 -12.66 -22.06 -0.77
N GLN A 18 -12.20 -20.94 -0.20
CA GLN A 18 -10.75 -20.61 -0.21
C GLN A 18 -10.09 -20.78 1.14
N PRO A 19 -8.73 -20.99 1.16
CA PRO A 19 -7.99 -21.23 2.39
C PRO A 19 -7.66 -19.93 3.13
N VAL A 20 -8.69 -19.32 3.71
CA VAL A 20 -8.57 -18.14 4.54
C VAL A 20 -9.39 -18.33 5.80
N PRO A 21 -9.10 -17.66 6.94
CA PRO A 21 -9.96 -17.75 8.11
C PRO A 21 -11.37 -17.25 7.77
N GLN A 22 -12.39 -18.03 8.19
CA GLN A 22 -13.74 -17.81 7.71
C GLN A 22 -14.50 -16.81 8.61
N THR A 23 -14.10 -16.68 9.89
CA THR A 23 -14.77 -15.76 10.81
C THR A 23 -13.77 -15.12 11.79
N GLU A 24 -14.20 -14.08 12.51
CA GLU A 24 -13.44 -13.54 13.64
C GLU A 24 -13.26 -14.59 14.73
N ASP A 25 -14.32 -15.36 15.00
CA ASP A 25 -14.30 -16.40 16.03
C ASP A 25 -13.08 -17.29 15.80
N GLU A 26 -12.95 -17.75 14.57
CA GLU A 26 -11.86 -18.64 14.20
C GLU A 26 -10.54 -17.89 14.31
N THR A 27 -10.54 -16.61 13.88
CA THR A 27 -9.34 -15.79 13.97
C THR A 27 -8.86 -15.72 15.42
N GLU A 28 -9.82 -15.57 16.34
CA GLU A 28 -9.52 -15.28 17.73
C GLU A 28 -8.81 -16.46 18.40
N LYS A 29 -8.92 -17.66 17.79
CA LYS A 29 -8.45 -18.91 18.36
CA LYS A 29 -8.43 -18.89 18.38
C LYS A 29 -7.09 -19.30 17.77
N ILE A 30 -6.69 -18.61 16.68
CA ILE A 30 -5.41 -18.88 16.02
C ILE A 30 -4.29 -18.46 16.96
N VAL A 31 -3.29 -19.36 17.10
CA VAL A 31 -2.25 -19.15 18.08
C VAL A 31 -0.88 -19.11 17.37
N PHE A 32 -0.73 -19.79 16.21
CA PHE A 32 0.56 -19.78 15.53
C PHE A 32 0.44 -19.41 14.04
N ALA A 33 1.47 -18.71 13.51
CA ALA A 33 1.59 -18.53 12.08
C ALA A 33 1.80 -19.88 11.40
N GLY A 34 1.12 -20.09 10.29
CA GLY A 34 1.39 -21.21 9.42
C GLY A 34 0.32 -21.38 8.33
N PRO A 35 0.53 -22.30 7.37
CA PRO A 35 -0.40 -22.48 6.27
C PRO A 35 -1.78 -22.99 6.69
N MET A 36 -2.75 -22.78 5.81
CA MET A 36 -4.09 -23.29 6.09
C MET A 36 -4.42 -24.51 5.24
N ASP A 37 -4.02 -24.51 3.97
CA ASP A 37 -4.40 -25.47 2.93
C ASP A 37 -3.62 -26.77 3.08
N GLU A 38 -4.07 -27.79 2.33
CA GLU A 38 -3.29 -29.01 2.11
C GLU A 38 -1.93 -28.62 1.50
N PRO A 39 -0.78 -29.19 1.96
CA PRO A 39 0.48 -29.00 1.24
C PRO A 39 0.33 -29.62 -0.15
N LYS A 40 0.81 -28.90 -1.17
CA LYS A 40 0.76 -29.23 -2.58
C LYS A 40 2.12 -28.96 -3.20
N THR A 41 2.38 -29.53 -4.37
CA THR A 41 3.52 -29.18 -5.21
C THR A 41 3.08 -28.61 -6.55
N VAL A 42 4.07 -28.04 -7.24
CA VAL A 42 3.90 -27.47 -8.55
C VAL A 42 3.20 -28.51 -9.42
N ALA A 43 3.63 -29.78 -9.28
CA ALA A 43 3.11 -30.78 -10.21
C ALA A 43 1.60 -31.03 -10.02
N ASP A 44 1.06 -30.77 -8.80
CA ASP A 44 -0.38 -30.89 -8.54
C ASP A 44 -1.21 -29.82 -9.25
N ILE A 45 -0.58 -28.71 -9.65
CA ILE A 45 -1.36 -27.55 -10.08
C ILE A 45 -1.63 -27.66 -11.56
N PRO A 46 -2.88 -27.42 -12.04
CA PRO A 46 -3.12 -27.43 -13.47
C PRO A 46 -2.16 -26.65 -14.36
N GLU A 47 -1.69 -27.35 -15.36
CA GLU A 47 -0.82 -26.68 -16.44
CA GLU A 47 -0.87 -26.70 -16.40
C GLU A 47 -1.47 -25.56 -17.30
N GLU A 48 -2.78 -25.78 -17.55
CA GLU A 48 -3.52 -24.93 -18.46
C GLU A 48 -4.29 -23.86 -17.70
N PRO A 49 -4.50 -22.67 -18.33
CA PRO A 49 -5.24 -21.59 -17.69
C PRO A 49 -6.64 -22.10 -17.37
N TYR A 50 -7.21 -21.51 -16.35
CA TYR A 50 -8.56 -21.78 -15.96
C TYR A 50 -9.48 -21.51 -17.16
N PRO A 51 -10.51 -22.35 -17.35
CA PRO A 51 -11.48 -22.11 -18.40
C PRO A 51 -12.16 -20.74 -18.29
N ILE A 52 -12.44 -20.13 -19.44
CA ILE A 52 -13.13 -18.84 -19.49
C ILE A 52 -14.05 -18.84 -20.71
N ALA A 53 -15.10 -18.00 -20.68
CA ALA A 53 -16.09 -17.98 -21.76
C ALA A 53 -15.41 -17.74 -23.12
N SER A 54 -16.00 -18.32 -24.18
CA SER A 54 -15.34 -18.33 -25.48
C SER A 54 -15.18 -16.93 -26.08
N THR A 55 -15.96 -15.93 -25.58
CA THR A 55 -15.86 -14.55 -26.05
C THR A 55 -14.78 -13.70 -25.35
N PHE A 56 -14.15 -14.29 -24.32
CA PHE A 56 -13.07 -13.64 -23.60
C PHE A 56 -11.77 -14.40 -23.83
N GLU A 57 -10.65 -13.76 -23.49
CA GLU A 57 -9.38 -14.46 -23.53
C GLU A 57 -8.48 -13.90 -22.43
N TRP A 58 -7.64 -14.76 -21.86
CA TRP A 58 -6.59 -14.33 -20.96
C TRP A 58 -5.53 -13.55 -21.72
N TRP A 59 -4.95 -12.52 -21.09
CA TRP A 59 -3.85 -11.75 -21.63
C TRP A 59 -2.82 -11.48 -20.51
N THR A 60 -1.53 -11.67 -20.80
CA THR A 60 -0.46 -11.26 -19.92
C THR A 60 0.18 -10.00 -20.50
N PRO A 61 -0.08 -8.82 -19.91
CA PRO A 61 0.48 -7.56 -20.41
C PRO A 61 2.00 -7.56 -20.27
N ASN A 62 2.68 -6.90 -21.22
CA ASN A 62 4.10 -6.61 -21.08
C ASN A 62 4.29 -5.22 -20.45
N MET A 63 4.81 -5.20 -19.23
CA MET A 63 4.77 -3.95 -18.50
CA MET A 63 4.91 -4.05 -18.37
C MET A 63 5.92 -3.04 -18.91
N GLU A 64 6.72 -3.46 -19.87
CA GLU A 64 7.71 -2.57 -20.46
C GLU A 64 7.29 -2.19 -21.89
N ALA A 65 6.06 -2.57 -22.27
CA ALA A 65 5.41 -2.03 -23.46
C ALA A 65 4.53 -0.83 -23.05
N ALA A 66 4.84 0.36 -23.59
CA ALA A 66 4.08 1.55 -23.26
C ALA A 66 2.58 1.36 -23.56
N ASP A 67 2.28 0.76 -24.70
CA ASP A 67 0.91 0.51 -25.05
CA ASP A 67 0.84 0.49 -24.99
C ASP A 67 0.05 -0.40 -23.98
N ASP A 68 0.82 -1.38 -23.51
CA ASP A 68 0.26 -2.31 -22.53
C ASP A 68 -0.02 -1.57 -21.21
N ILE A 69 0.96 -0.80 -20.77
CA ILE A 69 0.80 0.02 -19.57
CA ILE A 69 0.79 -0.01 -19.55
C ILE A 69 -0.38 0.95 -19.78
N HIS A 70 -0.46 1.58 -20.96
CA HIS A 70 -1.54 2.51 -21.21
C HIS A 70 -2.90 1.83 -21.09
N ALA A 71 -3.02 0.59 -21.62
CA ALA A 71 -4.31 -0.10 -21.55
C ALA A 71 -4.77 -0.34 -20.12
N ILE A 72 -3.81 -0.79 -19.28
CA ILE A 72 -4.09 -1.02 -17.88
CA ILE A 72 -4.09 -1.01 -17.87
C ILE A 72 -4.47 0.33 -17.23
N TYR A 73 -3.65 1.38 -17.50
CA TYR A 73 -3.87 2.72 -16.99
C TYR A 73 -5.32 3.18 -17.25
N GLU A 74 -5.83 3.04 -18.48
CA GLU A 74 -7.18 3.50 -18.80
CA GLU A 74 -7.19 3.45 -18.85
C GLU A 74 -8.27 2.69 -18.08
N LEU A 75 -8.10 1.36 -17.96
CA LEU A 75 -9.03 0.56 -17.20
C LEU A 75 -9.13 1.07 -15.76
N LEU A 76 -7.97 1.27 -15.13
CA LEU A 76 -8.00 1.73 -13.74
C LEU A 76 -8.52 3.16 -13.67
N ARG A 77 -8.09 4.05 -14.59
CA ARG A 77 -8.58 5.45 -14.55
C ARG A 77 -10.10 5.48 -14.52
N ASP A 78 -10.75 4.62 -15.32
CA ASP A 78 -12.18 4.69 -15.50
C ASP A 78 -13.00 3.77 -14.58
N ASN A 79 -12.34 2.80 -13.90
CA ASN A 79 -13.11 1.73 -13.28
C ASN A 79 -12.52 1.33 -11.91
N TYR A 80 -11.44 1.96 -11.44
CA TYR A 80 -10.85 1.54 -10.16
C TYR A 80 -11.56 2.20 -8.96
N VAL A 81 -10.92 2.13 -7.77
CA VAL A 81 -11.58 2.51 -6.50
C VAL A 81 -12.03 3.99 -6.50
N GLU A 82 -13.28 4.19 -6.11
CA GLU A 82 -13.88 5.50 -5.83
C GLU A 82 -14.11 5.71 -4.35
N ASP A 83 -14.36 6.95 -3.96
CA ASP A 83 -14.98 7.17 -2.65
C ASP A 83 -16.44 6.68 -2.64
N ASP A 84 -17.10 6.79 -1.47
CA ASP A 84 -18.43 6.19 -1.33
C ASP A 84 -19.52 7.08 -1.95
N ASP A 85 -19.17 8.33 -2.29
CA ASP A 85 -20.16 9.26 -2.80
C ASP A 85 -19.94 9.70 -4.25
N SER A 86 -19.21 8.92 -5.07
CA SER A 86 -19.15 9.28 -6.49
CA SER A 86 -18.88 9.18 -6.48
C SER A 86 -18.47 10.63 -6.72
N MET A 87 -17.42 10.99 -5.98
CA MET A 87 -16.81 12.31 -6.07
CA MET A 87 -16.81 12.31 -6.07
C MET A 87 -15.37 12.20 -6.55
N PHE A 88 -14.68 11.07 -6.26
CA PHE A 88 -13.28 10.93 -6.63
C PHE A 88 -13.03 9.49 -7.04
N ARG A 89 -12.09 9.31 -7.96
CA ARG A 89 -11.65 7.97 -8.37
C ARG A 89 -10.14 8.04 -8.54
N PHE A 90 -9.43 7.05 -7.98
CA PHE A 90 -7.98 7.09 -8.07
C PHE A 90 -7.54 7.09 -9.53
N ASN A 91 -6.41 7.76 -9.76
CA ASN A 91 -5.88 7.90 -11.12
C ASN A 91 -4.38 7.63 -11.04
N TYR A 92 -4.03 6.37 -10.69
CA TYR A 92 -2.63 5.97 -10.73
C TYR A 92 -2.03 6.29 -12.10
N SER A 93 -0.85 6.88 -12.13
CA SER A 93 -0.27 7.26 -13.42
C SER A 93 0.38 6.07 -14.12
N GLU A 94 0.63 6.21 -15.44
CA GLU A 94 1.35 5.14 -16.17
C GLU A 94 2.74 4.90 -15.58
N GLU A 95 3.43 5.97 -15.19
CA GLU A 95 4.77 5.84 -14.65
C GLU A 95 4.73 5.18 -13.26
N PHE A 96 3.67 5.53 -12.49
CA PHE A 96 3.49 4.84 -11.21
C PHE A 96 3.27 3.34 -11.41
N LEU A 97 2.39 2.97 -12.39
CA LEU A 97 2.07 1.57 -12.59
C LEU A 97 3.28 0.75 -13.04
N GLN A 98 4.10 1.33 -13.91
CA GLN A 98 5.33 0.65 -14.29
CA GLN A 98 5.33 0.64 -14.29
C GLN A 98 6.23 0.39 -13.07
N TRP A 99 6.35 1.40 -12.19
CA TRP A 99 7.15 1.29 -10.98
C TRP A 99 6.58 0.23 -10.05
N ALA A 100 5.27 0.30 -9.80
CA ALA A 100 4.69 -0.62 -8.84
C ALA A 100 4.67 -2.09 -9.32
N LEU A 101 4.52 -2.27 -10.63
CA LEU A 101 4.29 -3.64 -11.05
CA LEU A 101 4.25 -3.57 -11.27
C LEU A 101 5.55 -4.32 -11.58
N CYS A 102 6.66 -3.57 -11.69
CA CYS A 102 7.90 -4.15 -12.20
C CYS A 102 9.10 -3.98 -11.25
N PRO A 103 9.03 -4.44 -9.99
CA PRO A 103 10.15 -4.38 -9.06
C PRO A 103 11.18 -5.48 -9.41
N PRO A 104 12.35 -5.50 -8.75
CA PRO A 104 13.38 -6.47 -9.14
C PRO A 104 12.80 -7.89 -9.10
N ASN A 105 13.15 -8.70 -10.11
CA ASN A 105 12.80 -10.13 -10.09
C ASN A 105 11.28 -10.33 -10.19
N TYR A 106 10.55 -9.31 -10.64
CA TYR A 106 9.11 -9.51 -10.87
C TYR A 106 8.87 -10.64 -11.89
N ILE A 107 7.68 -11.24 -11.82
CA ILE A 107 7.31 -12.39 -12.65
C ILE A 107 6.25 -11.89 -13.60
N PRO A 108 6.54 -11.73 -14.89
CA PRO A 108 5.53 -11.19 -15.80
C PRO A 108 4.19 -11.95 -15.79
N ASP A 109 4.24 -13.29 -15.61
CA ASP A 109 3.06 -14.16 -15.65
C ASP A 109 2.09 -13.86 -14.50
N TRP A 110 2.55 -13.16 -13.47
CA TRP A 110 1.68 -12.78 -12.35
C TRP A 110 0.79 -11.56 -12.61
N HIS A 111 0.93 -10.89 -13.73
CA HIS A 111 0.04 -9.81 -14.13
C HIS A 111 -0.99 -10.51 -15.02
N VAL A 112 -2.25 -10.53 -14.58
CA VAL A 112 -3.30 -11.33 -15.24
C VAL A 112 -4.40 -10.39 -15.73
N ALA A 113 -4.72 -10.43 -17.03
CA ALA A 113 -5.78 -9.64 -17.59
C ALA A 113 -6.75 -10.52 -18.37
N VAL A 114 -7.97 -10.01 -18.48
CA VAL A 114 -8.97 -10.52 -19.40
C VAL A 114 -9.28 -9.46 -20.42
N ARG A 115 -9.29 -9.90 -21.71
CA ARG A 115 -9.65 -9.08 -22.85
C ARG A 115 -10.84 -9.67 -23.58
N ARG A 116 -11.69 -8.80 -24.14
CA ARG A 116 -12.78 -9.22 -24.99
C ARG A 116 -12.12 -9.67 -26.29
N LYS A 117 -12.34 -10.94 -26.69
CA LYS A 117 -11.62 -11.53 -27.81
C LYS A 117 -11.79 -10.64 -29.06
N ALA A 118 -12.99 -10.12 -29.28
CA ALA A 118 -13.29 -9.44 -30.54
C ALA A 118 -12.30 -8.31 -30.79
N ASP A 119 -12.15 -7.38 -29.84
CA ASP A 119 -11.48 -6.10 -30.08
C ASP A 119 -10.30 -5.86 -29.13
N LYS A 120 -10.00 -6.84 -28.27
CA LYS A 120 -8.93 -6.79 -27.29
C LYS A 120 -9.17 -5.68 -26.26
N LYS A 121 -10.43 -5.25 -26.07
CA LYS A 121 -10.79 -4.38 -24.95
C LYS A 121 -10.46 -5.05 -23.62
N LEU A 122 -9.69 -4.34 -22.76
CA LEU A 122 -9.33 -4.81 -21.43
C LEU A 122 -10.57 -4.69 -20.56
N LEU A 123 -11.00 -5.83 -20.01
CA LEU A 123 -12.21 -5.99 -19.19
C LEU A 123 -11.88 -6.12 -17.71
N ALA A 124 -10.72 -6.69 -17.35
CA ALA A 124 -10.44 -7.00 -15.95
C ALA A 124 -8.93 -7.14 -15.80
N PHE A 125 -8.43 -6.88 -14.58
CA PHE A 125 -7.00 -6.99 -14.32
C PHE A 125 -6.79 -7.31 -12.83
N ILE A 126 -5.69 -8.04 -12.56
CA ILE A 126 -5.20 -8.22 -11.20
C ILE A 126 -3.68 -8.35 -11.27
N ALA A 127 -2.95 -7.80 -10.31
CA ALA A 127 -1.51 -7.86 -10.40
C ALA A 127 -0.90 -8.53 -9.19
N GLY A 128 0.14 -9.36 -9.41
CA GLY A 128 0.93 -9.89 -8.33
C GLY A 128 2.40 -9.53 -8.52
N VAL A 129 3.05 -9.16 -7.42
CA VAL A 129 4.50 -8.91 -7.44
C VAL A 129 5.13 -9.69 -6.30
N PRO A 130 6.43 -10.02 -6.39
CA PRO A 130 7.10 -10.71 -5.30
C PRO A 130 7.32 -9.79 -4.11
N VAL A 131 7.25 -10.33 -2.90
CA VAL A 131 7.71 -9.63 -1.71
C VAL A 131 8.31 -10.66 -0.76
N THR A 132 9.34 -10.23 -0.03
CA THR A 132 9.92 -11.07 1.01
C THR A 132 9.40 -10.54 2.33
N LEU A 133 8.61 -11.36 3.05
CA LEU A 133 7.87 -10.86 4.19
C LEU A 133 8.21 -11.68 5.44
N ARG A 134 8.50 -10.99 6.52
CA ARG A 134 8.44 -11.58 7.86
C ARG A 134 6.96 -11.70 8.25
N MET A 135 6.55 -12.95 8.53
CA MET A 135 5.16 -13.28 8.79
C MET A 135 5.05 -14.44 9.78
N GLY A 136 6.09 -14.57 10.61
CA GLY A 136 5.99 -15.57 11.68
C GLY A 136 5.17 -15.10 12.89
N THR A 137 5.02 -16.01 13.87
CA THR A 137 4.17 -15.73 15.01
C THR A 137 4.55 -14.43 15.71
N PRO A 138 3.57 -13.53 15.98
CA PRO A 138 3.84 -12.22 16.57
C PRO A 138 4.35 -12.29 18.01
N LYS A 139 5.03 -11.25 18.46
CA LYS A 139 5.60 -11.24 19.80
C LYS A 139 4.57 -11.67 20.86
N TYR A 140 3.34 -11.10 20.83
CA TYR A 140 2.47 -11.33 21.98
C TYR A 140 2.10 -12.81 21.98
N MET A 141 2.04 -13.46 20.82
CA MET A 141 1.66 -14.86 20.80
C MET A 141 2.86 -15.77 21.09
N LYS A 142 4.07 -15.31 20.84
CA LYS A 142 5.21 -16.13 21.22
C LYS A 142 5.31 -16.22 22.74
N VAL A 143 4.93 -15.16 23.44
CA VAL A 143 4.91 -15.15 24.90
C VAL A 143 3.92 -16.20 25.39
N LYS A 144 2.72 -16.26 24.80
CA LYS A 144 1.70 -17.22 25.17
CA LYS A 144 1.71 -17.22 25.20
C LYS A 144 2.24 -18.63 24.93
N ALA A 145 2.96 -18.82 23.82
CA ALA A 145 3.51 -20.12 23.45
C ALA A 145 4.52 -20.57 24.51
N GLN A 146 5.34 -19.66 24.99
CA GLN A 146 6.35 -20.02 26.03
C GLN A 146 5.64 -20.45 27.30
N GLU A 147 4.58 -19.76 27.69
CA GLU A 147 3.78 -20.10 28.85
C GLU A 147 3.23 -21.53 28.73
N LYS A 148 3.02 -22.01 27.50
CA LYS A 148 2.42 -23.32 27.36
C LYS A 148 3.46 -24.40 27.09
N GLY A 149 4.75 -24.02 26.99
CA GLY A 149 5.85 -24.91 26.59
C GLY A 149 5.90 -25.27 25.10
N GLU A 150 5.38 -24.37 24.25
CA GLU A 150 5.19 -24.61 22.83
C GLU A 150 6.03 -23.67 21.96
N GLY A 151 7.19 -23.22 22.46
CA GLY A 151 8.06 -22.35 21.68
C GLY A 151 8.42 -22.86 20.29
N GLU A 152 8.79 -24.15 20.14
CA GLU A 152 9.28 -24.61 18.84
C GLU A 152 8.16 -24.48 17.80
N GLU A 153 6.94 -24.84 18.19
CA GLU A 153 5.80 -24.76 17.31
CA GLU A 153 5.79 -24.77 17.31
C GLU A 153 5.62 -23.33 16.82
N ALA A 154 5.69 -22.38 17.76
CA ALA A 154 5.47 -20.95 17.54
C ALA A 154 6.54 -20.34 16.64
N ALA A 155 7.74 -20.93 16.59
CA ALA A 155 8.90 -20.43 15.87
C ALA A 155 9.04 -21.01 14.48
N LYS A 156 8.20 -21.98 14.12
CA LYS A 156 8.44 -22.75 12.92
C LYS A 156 8.60 -21.92 11.63
N TYR A 157 7.82 -20.82 11.51
CA TYR A 157 7.76 -20.05 10.29
C TYR A 157 8.34 -18.66 10.50
N ASP A 158 9.28 -18.53 11.44
CA ASP A 158 9.97 -17.27 11.69
C ASP A 158 10.73 -16.69 10.51
N GLU A 159 11.34 -17.53 9.66
CA GLU A 159 12.22 -17.02 8.61
C GLU A 159 11.41 -16.20 7.60
N PRO A 160 11.94 -15.09 7.06
CA PRO A 160 11.24 -14.35 5.99
C PRO A 160 10.86 -15.24 4.80
N ARG A 161 9.67 -15.06 4.25
CA ARG A 161 9.17 -15.92 3.19
C ARG A 161 8.96 -15.13 1.90
N HIS A 162 9.25 -15.78 0.76
CA HIS A 162 9.12 -15.17 -0.55
C HIS A 162 7.71 -15.47 -1.03
N ILE A 163 6.83 -14.45 -0.98
CA ILE A 163 5.42 -14.67 -1.28
C ILE A 163 5.01 -13.65 -2.33
N CYS A 164 3.70 -13.54 -2.58
CA CYS A 164 3.06 -12.72 -3.61
C CYS A 164 2.32 -11.59 -2.91
N GLU A 165 2.44 -10.35 -3.42
CA GLU A 165 1.64 -9.21 -2.99
C GLU A 165 0.64 -8.93 -4.09
N ILE A 166 -0.67 -8.90 -3.82
CA ILE A 166 -1.71 -8.68 -4.81
C ILE A 166 -2.29 -7.28 -4.72
N ASN A 167 -2.50 -6.67 -5.88
CA ASN A 167 -2.98 -5.29 -5.95
C ASN A 167 -3.66 -5.09 -7.30
N PHE A 168 -4.39 -3.97 -7.43
CA PHE A 168 -4.97 -3.48 -8.67
C PHE A 168 -6.06 -4.41 -9.24
N LEU A 169 -6.76 -5.19 -8.40
CA LEU A 169 -7.92 -5.97 -8.88
C LEU A 169 -8.97 -4.99 -9.42
N CYS A 170 -9.37 -5.19 -10.67
CA CYS A 170 -10.36 -4.27 -11.25
C CYS A 170 -11.19 -5.01 -12.30
N VAL A 171 -12.51 -4.88 -12.20
CA VAL A 171 -13.40 -5.34 -13.26
C VAL A 171 -14.10 -4.11 -13.84
N HIS A 172 -14.18 -4.05 -15.17
CA HIS A 172 -14.85 -2.93 -15.83
C HIS A 172 -16.28 -2.76 -15.30
N LYS A 173 -16.73 -1.48 -15.12
CA LYS A 173 -18.08 -1.23 -14.63
C LYS A 173 -19.22 -1.96 -15.37
N GLN A 174 -19.04 -2.21 -16.67
CA GLN A 174 -20.09 -2.87 -17.46
C GLN A 174 -20.17 -4.37 -17.23
N LEU A 175 -19.21 -4.91 -16.47
CA LEU A 175 -19.07 -6.35 -16.25
C LEU A 175 -19.18 -6.70 -14.78
N ARG A 176 -19.61 -5.73 -13.96
CA ARG A 176 -19.71 -5.98 -12.52
C ARG A 176 -20.80 -6.99 -12.17
N GLU A 177 -20.60 -7.71 -11.08
CA GLU A 177 -21.60 -8.60 -10.48
C GLU A 177 -21.91 -9.76 -11.42
N LYS A 178 -20.92 -10.19 -12.20
CA LYS A 178 -21.05 -11.35 -13.07
C LYS A 178 -20.09 -12.47 -12.66
N ARG A 179 -19.51 -12.38 -11.45
CA ARG A 179 -18.59 -13.36 -10.88
C ARG A 179 -17.29 -13.46 -11.68
N LEU A 180 -16.85 -12.37 -12.33
CA LEU A 180 -15.57 -12.35 -13.02
C LEU A 180 -14.41 -12.23 -12.02
N ALA A 181 -14.62 -11.50 -10.91
CA ALA A 181 -13.50 -11.32 -9.98
C ALA A 181 -13.02 -12.69 -9.48
N PRO A 182 -13.88 -13.63 -9.03
CA PRO A 182 -13.41 -14.96 -8.65
C PRO A 182 -12.57 -15.69 -9.70
N ILE A 183 -12.93 -15.55 -10.98
CA ILE A 183 -12.20 -16.20 -12.05
C ILE A 183 -10.78 -15.62 -12.05
N LEU A 184 -10.67 -14.30 -11.92
CA LEU A 184 -9.36 -13.63 -11.96
C LEU A 184 -8.53 -14.12 -10.79
N ILE A 185 -9.15 -14.18 -9.63
CA ILE A 185 -8.42 -14.54 -8.43
C ILE A 185 -7.93 -15.99 -8.52
N LYS A 186 -8.77 -16.89 -9.04
CA LYS A 186 -8.39 -18.31 -9.19
C LYS A 186 -7.24 -18.45 -10.19
N GLU A 187 -7.26 -17.69 -11.27
CA GLU A 187 -6.20 -17.76 -12.27
C GLU A 187 -4.90 -17.16 -11.74
N ALA A 188 -4.95 -16.00 -11.05
CA ALA A 188 -3.74 -15.50 -10.42
C ALA A 188 -3.17 -16.51 -9.43
N THR A 189 -4.03 -17.18 -8.66
CA THR A 189 -3.59 -18.17 -7.69
C THR A 189 -2.85 -19.30 -8.41
N ARG A 190 -3.42 -19.77 -9.52
CA ARG A 190 -2.79 -20.88 -10.25
C ARG A 190 -1.39 -20.48 -10.71
N ARG A 191 -1.28 -19.26 -11.32
CA ARG A 191 -0.01 -18.78 -11.87
C ARG A 191 1.04 -18.62 -10.77
N VAL A 192 0.65 -18.13 -9.60
CA VAL A 192 1.54 -18.02 -8.46
C VAL A 192 1.95 -19.41 -7.95
N ASN A 193 0.99 -20.35 -7.85
CA ASN A 193 1.28 -21.67 -7.30
C ASN A 193 2.16 -22.44 -8.30
N ARG A 194 2.10 -22.14 -9.60
CA ARG A 194 2.93 -22.80 -10.61
C ARG A 194 4.40 -22.38 -10.43
N THR A 195 4.63 -21.26 -9.72
CA THR A 195 6.00 -20.84 -9.38
C THR A 195 6.41 -21.26 -7.97
N ASN A 196 5.68 -22.15 -7.32
CA ASN A 196 6.00 -22.70 -6.03
C ASN A 196 5.86 -21.66 -4.91
N VAL A 197 4.86 -20.76 -5.06
CA VAL A 197 4.52 -19.82 -3.99
C VAL A 197 3.07 -20.06 -3.57
N TRP A 198 2.84 -20.10 -2.24
CA TRP A 198 1.58 -20.60 -1.69
C TRP A 198 0.88 -19.64 -0.73
N GLN A 199 1.50 -18.48 -0.48
CA GLN A 199 0.91 -17.41 0.32
C GLN A 199 0.87 -16.11 -0.51
N ALA A 200 -0.15 -15.30 -0.20
CA ALA A 200 -0.19 -13.90 -0.69
C ALA A 200 -0.59 -13.00 0.45
N VAL A 201 -0.22 -11.70 0.28
CA VAL A 201 -0.69 -10.64 1.16
C VAL A 201 -1.41 -9.61 0.26
N TYR A 202 -2.51 -9.08 0.81
CA TYR A 202 -3.27 -8.06 0.07
C TYR A 202 -3.99 -7.17 1.05
N THR A 203 -4.31 -5.96 0.57
CA THR A 203 -5.06 -5.00 1.37
C THR A 203 -6.30 -4.58 0.57
N ALA A 204 -7.32 -4.19 1.32
CA ALA A 204 -8.57 -3.68 0.71
C ALA A 204 -9.28 -2.82 1.72
N GLY A 205 -10.09 -1.86 1.22
CA GLY A 205 -10.95 -1.10 2.10
C GLY A 205 -12.15 -1.88 2.59
N VAL A 206 -12.63 -2.77 1.72
CA VAL A 206 -13.82 -3.56 2.05
C VAL A 206 -13.47 -4.65 3.04
N LEU A 207 -14.49 -5.11 3.76
CA LEU A 207 -14.36 -6.20 4.73
C LEU A 207 -14.69 -7.52 4.04
N LEU A 208 -13.69 -8.43 4.04
CA LEU A 208 -13.74 -9.76 3.43
C LEU A 208 -13.37 -10.74 4.54
N PRO A 209 -13.61 -12.05 4.38
CA PRO A 209 -13.07 -13.02 5.36
C PRO A 209 -11.55 -13.16 5.11
N THR A 210 -10.70 -12.94 6.12
CA THR A 210 -10.91 -12.28 7.40
C THR A 210 -9.61 -11.52 7.64
N PRO A 211 -9.64 -10.21 7.97
CA PRO A 211 -8.38 -9.44 8.14
C PRO A 211 -7.56 -9.97 9.32
N TYR A 212 -6.22 -9.90 9.22
CA TYR A 212 -5.41 -10.05 10.42
C TYR A 212 -5.05 -8.71 11.07
N ALA A 213 -5.32 -7.56 10.39
CA ALA A 213 -5.11 -6.25 11.00
C ALA A 213 -5.97 -5.24 10.25
N SER A 214 -6.30 -4.13 10.89
CA SER A 214 -7.08 -3.06 10.25
C SER A 214 -6.64 -1.74 10.85
N GLY A 215 -6.50 -0.71 9.99
CA GLY A 215 -6.11 0.60 10.46
C GLY A 215 -6.94 1.71 9.83
N GLN A 216 -7.22 2.77 10.58
CA GLN A 216 -7.82 3.97 10.00
C GLN A 216 -6.84 4.75 9.13
N TYR A 217 -7.40 5.41 8.08
CA TYR A 217 -6.67 6.46 7.36
C TYR A 217 -6.65 7.79 8.11
N PHE A 218 -5.61 8.55 7.83
CA PHE A 218 -5.38 9.89 8.34
C PHE A 218 -4.96 10.79 7.19
N HIS A 219 -5.35 12.05 7.29
CA HIS A 219 -5.02 13.01 6.24
CA HIS A 219 -5.14 13.04 6.24
C HIS A 219 -4.62 14.34 6.85
N ARG A 220 -3.67 14.98 6.14
CA ARG A 220 -3.15 16.25 6.59
C ARG A 220 -3.29 17.22 5.43
N SER A 221 -4.11 18.27 5.65
CA SER A 221 -4.37 19.29 4.65
CA SER A 221 -4.38 19.31 4.66
C SER A 221 -3.13 20.11 4.32
N LEU A 222 -2.79 20.24 3.01
CA LEU A 222 -1.65 21.04 2.57
C LEU A 222 -2.18 22.27 1.83
N ASN A 223 -3.29 22.12 1.06
CA ASN A 223 -3.93 23.17 0.27
C ASN A 223 -5.41 23.25 0.64
N PRO A 224 -5.75 23.77 1.82
CA PRO A 224 -7.13 23.73 2.30
C PRO A 224 -8.15 24.44 1.40
N GLU A 225 -7.72 25.52 0.72
CA GLU A 225 -8.65 26.22 -0.17
C GLU A 225 -9.20 25.27 -1.24
N LYS A 226 -8.28 24.52 -1.86
CA LYS A 226 -8.66 23.61 -2.91
C LYS A 226 -9.46 22.44 -2.35
N LEU A 227 -9.03 21.92 -1.18
CA LEU A 227 -9.71 20.74 -0.64
C LEU A 227 -11.17 21.07 -0.31
N VAL A 228 -11.40 22.29 0.16
CA VAL A 228 -12.76 22.73 0.42
C VAL A 228 -13.52 22.91 -0.90
N GLU A 229 -12.88 23.44 -1.94
CA GLU A 229 -13.61 23.71 -3.19
C GLU A 229 -14.12 22.39 -3.80
N ILE A 230 -13.34 21.31 -3.64
CA ILE A 230 -13.67 20.03 -4.27
C ILE A 230 -14.48 19.13 -3.33
N ARG A 231 -14.73 19.59 -2.12
CA ARG A 231 -15.52 18.81 -1.14
C ARG A 231 -14.76 17.62 -0.57
N PHE A 232 -13.44 17.60 -0.72
CA PHE A 232 -12.70 16.65 0.09
C PHE A 232 -12.89 16.97 1.57
N SER A 233 -12.82 18.25 1.92
CA SER A 233 -12.96 18.78 3.27
C SER A 233 -14.16 19.74 3.25
N GLY A 234 -14.73 19.99 4.42
CA GLY A 234 -15.59 21.16 4.59
C GLY A 234 -14.90 22.17 5.50
N ILE A 235 -15.49 23.37 5.62
CA ILE A 235 -15.08 24.28 6.67
C ILE A 235 -15.73 23.78 7.96
N PRO A 236 -14.97 23.27 8.95
CA PRO A 236 -15.57 22.65 10.13
C PRO A 236 -16.36 23.65 10.97
N ALA A 237 -17.47 23.15 11.54
CA ALA A 237 -18.49 23.95 12.22
C ALA A 237 -17.88 24.99 13.17
N GLN A 238 -16.87 24.60 13.94
CA GLN A 238 -16.22 25.53 14.88
C GLN A 238 -15.60 26.74 14.16
N TYR A 239 -15.37 26.65 12.85
CA TYR A 239 -14.75 27.73 12.11
C TYR A 239 -15.81 28.77 11.75
N GLN A 240 -17.04 28.56 12.26
CA GLN A 240 -18.18 29.42 11.93
C GLN A 240 -18.19 30.65 12.82
N LYS A 241 -18.13 30.43 14.14
CA LYS A 241 -18.03 31.48 15.15
C LYS A 241 -16.95 32.50 14.77
N PHE A 242 -16.25 32.24 13.66
CA PHE A 242 -15.21 33.14 13.17
C PHE A 242 -15.81 34.05 12.10
N GLN A 243 -15.29 35.27 12.04
CA GLN A 243 -15.77 36.25 11.08
C GLN A 243 -15.44 35.76 9.66
N ASN A 244 -14.28 35.12 9.54
CA ASN A 244 -13.77 34.72 8.24
C ASN A 244 -13.22 33.28 8.27
N PRO A 245 -14.05 32.27 7.96
CA PRO A 245 -13.59 30.88 8.04
C PRO A 245 -12.31 30.47 7.29
N MET A 246 -12.13 30.87 6.01
CA MET A 246 -11.07 30.30 5.18
C MET A 246 -9.69 30.87 5.52
N ALA A 247 -9.63 32.15 5.89
CA ALA A 247 -8.35 32.75 6.21
C ALA A 247 -7.74 32.03 7.42
N MET A 248 -8.61 31.72 8.39
CA MET A 248 -8.24 31.01 9.60
CA MET A 248 -8.25 31.02 9.61
C MET A 248 -7.81 29.59 9.25
N LEU A 249 -8.52 28.95 8.30
CA LEU A 249 -8.17 27.59 7.89
C LEU A 249 -6.80 27.54 7.22
N LYS A 250 -6.50 28.46 6.30
CA LYS A 250 -5.18 28.51 5.69
C LYS A 250 -4.08 28.72 6.74
N ARG A 251 -4.31 29.65 7.67
CA ARG A 251 -3.32 29.91 8.71
C ARG A 251 -3.07 28.66 9.57
N ASN A 252 -4.14 27.93 9.90
CA ASN A 252 -3.96 26.70 10.66
C ASN A 252 -3.01 25.70 9.99
N TYR A 253 -3.09 25.58 8.67
CA TYR A 253 -2.36 24.51 8.00
C TYR A 253 -1.08 25.02 7.31
N GLN A 254 -0.75 26.31 7.50
CA GLN A 254 0.44 26.88 6.89
CA GLN A 254 0.44 26.89 6.90
C GLN A 254 1.70 26.11 7.29
N LEU A 255 2.63 26.01 6.33
CA LEU A 255 3.90 25.38 6.60
C LEU A 255 5.09 26.23 6.15
N PRO A 256 6.29 26.00 6.73
CA PRO A 256 7.49 26.62 6.19
C PRO A 256 7.72 26.39 4.71
N SER A 257 8.36 27.37 4.07
CA SER A 257 8.68 27.31 2.64
C SER A 257 9.83 26.34 2.37
N ALA A 258 10.63 26.08 3.41
CA ALA A 258 11.81 25.25 3.25
C ALA A 258 11.97 24.31 4.43
N PRO A 259 12.65 23.14 4.23
CA PRO A 259 12.85 22.14 5.27
C PRO A 259 13.61 22.70 6.46
N LYS A 260 13.33 22.16 7.65
CA LYS A 260 13.98 22.65 8.84
C LYS A 260 15.25 21.87 9.23
N ASN A 261 15.36 20.58 8.90
CA ASN A 261 16.56 19.82 9.19
C ASN A 261 17.66 20.24 8.20
N SER A 262 18.76 20.78 8.72
N SER A 262 18.70 20.88 8.72
CA SER A 262 19.85 21.35 7.92
CA SER A 262 19.91 21.05 7.93
C SER A 262 20.52 20.33 6.97
C SER A 262 20.53 19.67 7.72
N GLY A 263 20.60 19.07 7.43
N GLY A 263 21.09 19.45 6.54
CA GLY A 263 21.28 17.97 6.77
CA GLY A 263 21.53 18.12 6.19
C GLY A 263 20.41 17.20 5.77
C GLY A 263 20.49 17.33 5.39
N LEU A 264 19.21 17.74 5.44
CA LEU A 264 18.24 17.09 4.55
C LEU A 264 18.61 17.35 3.09
N ARG A 265 18.62 16.28 2.27
CA ARG A 265 18.73 16.41 0.82
C ARG A 265 18.05 15.21 0.16
N GLU A 266 17.88 15.27 -1.16
CA GLU A 266 17.31 14.11 -1.86
C GLU A 266 18.28 12.93 -1.78
N MET A 267 17.68 11.72 -1.72
CA MET A 267 18.44 10.49 -1.81
C MET A 267 19.06 10.30 -3.21
N LYS A 268 20.30 9.78 -3.16
CA LYS A 268 20.98 9.44 -4.41
C LYS A 268 21.45 7.99 -4.35
N PRO A 269 21.85 7.41 -5.51
CA PRO A 269 22.16 5.98 -5.52
C PRO A 269 23.16 5.56 -4.46
N SER A 270 24.19 6.40 -4.18
CA SER A 270 25.21 6.03 -3.21
C SER A 270 24.69 5.83 -1.78
N ASP A 271 23.46 6.33 -1.50
CA ASP A 271 22.82 6.20 -0.20
C ASP A 271 22.22 4.83 0.05
N VAL A 272 22.07 4.01 -0.99
CA VAL A 272 21.27 2.78 -0.90
C VAL A 272 21.72 1.90 0.26
N PRO A 273 23.00 1.51 0.41
CA PRO A 273 23.39 0.68 1.54
C PRO A 273 23.03 1.23 2.93
N GLN A 274 23.24 2.53 3.17
CA GLN A 274 22.94 3.09 4.47
C GLN A 274 21.42 3.13 4.72
N VAL A 275 20.66 3.53 3.70
CA VAL A 275 19.19 3.52 3.85
C VAL A 275 18.68 2.12 4.13
N ARG A 276 19.21 1.13 3.44
CA ARG A 276 18.82 -0.26 3.65
CA ARG A 276 18.80 -0.25 3.66
C ARG A 276 19.03 -0.65 5.12
N ARG A 277 20.22 -0.33 5.65
CA ARG A 277 20.58 -0.68 7.02
CA ARG A 277 20.55 -0.73 7.02
C ARG A 277 19.63 -0.03 8.03
N ILE A 278 19.44 1.28 7.94
CA ILE A 278 18.61 1.96 8.95
C ILE A 278 17.13 1.55 8.80
N LEU A 279 16.65 1.34 7.58
CA LEU A 279 15.27 0.91 7.43
C LEU A 279 15.10 -0.49 8.01
N MET A 280 15.96 -1.44 7.62
CA MET A 280 15.78 -2.82 8.07
C MET A 280 15.89 -2.92 9.62
N ASN A 281 16.77 -2.14 10.23
CA ASN A 281 16.88 -2.13 11.69
CA ASN A 281 16.89 -2.10 11.69
C ASN A 281 15.56 -1.65 12.32
N TYR A 282 14.94 -0.62 11.72
CA TYR A 282 13.70 -0.06 12.25
C TYR A 282 12.55 -1.06 12.05
N LEU A 283 12.44 -1.66 10.87
CA LEU A 283 11.28 -2.48 10.59
C LEU A 283 11.28 -3.75 11.45
N ASP A 284 12.45 -4.17 11.94
CA ASP A 284 12.56 -5.30 12.85
C ASP A 284 11.66 -5.21 14.08
N SER A 285 11.26 -4.00 14.46
CA SER A 285 10.49 -3.84 15.68
CA SER A 285 10.47 -3.75 15.66
C SER A 285 9.02 -4.21 15.47
N PHE A 286 8.60 -4.51 14.22
CA PHE A 286 7.19 -4.76 13.94
C PHE A 286 7.02 -6.25 13.65
N ASP A 287 5.84 -6.78 13.96
CA ASP A 287 5.56 -8.20 13.75
C ASP A 287 5.47 -8.62 12.30
N VAL A 288 4.85 -7.79 11.41
CA VAL A 288 4.76 -8.18 10.02
C VAL A 288 5.50 -7.10 9.19
N GLY A 289 6.43 -7.51 8.32
CA GLY A 289 7.14 -6.45 7.61
C GLY A 289 8.01 -6.98 6.50
N PRO A 290 8.34 -6.16 5.48
CA PRO A 290 9.15 -6.60 4.37
C PRO A 290 10.65 -6.60 4.64
N VAL A 291 11.32 -7.47 3.89
CA VAL A 291 12.80 -7.50 3.89
C VAL A 291 13.21 -7.06 2.49
N PHE A 292 14.05 -6.01 2.40
CA PHE A 292 14.45 -5.51 1.10
C PHE A 292 15.96 -5.69 0.85
N SER A 293 16.26 -6.17 -0.37
CA SER A 293 17.65 -6.17 -0.88
C SER A 293 18.08 -4.75 -1.24
N ASP A 294 19.39 -4.57 -1.52
CA ASP A 294 19.83 -3.29 -2.08
C ASP A 294 19.03 -2.95 -3.34
N ALA A 295 18.78 -3.93 -4.23
CA ALA A 295 18.10 -3.64 -5.48
C ALA A 295 16.66 -3.16 -5.21
N GLU A 296 16.02 -3.78 -4.23
CA GLU A 296 14.66 -3.42 -3.86
C GLU A 296 14.61 -2.05 -3.16
N ILE A 297 15.61 -1.71 -2.36
CA ILE A 297 15.70 -0.36 -1.78
C ILE A 297 15.83 0.67 -2.91
N SER A 298 16.76 0.42 -3.85
CA SER A 298 16.95 1.26 -5.03
CA SER A 298 16.93 1.30 -4.99
C SER A 298 15.62 1.48 -5.74
N HIS A 299 14.94 0.38 -6.06
CA HIS A 299 13.74 0.47 -6.85
C HIS A 299 12.63 1.25 -6.14
N TYR A 300 12.35 0.86 -4.88
CA TYR A 300 11.22 1.48 -4.19
C TYR A 300 11.51 2.87 -3.62
N LEU A 301 12.80 3.24 -3.43
CA LEU A 301 13.08 4.48 -2.70
C LEU A 301 13.85 5.50 -3.54
N LEU A 302 14.62 5.16 -4.57
CA LEU A 302 15.30 6.25 -5.26
C LEU A 302 14.29 7.15 -5.94
N PRO A 303 14.49 8.48 -5.89
CA PRO A 303 13.49 9.38 -6.46
C PRO A 303 13.20 9.08 -7.92
N ARG A 304 11.92 9.18 -8.26
CA ARG A 304 11.39 9.08 -9.64
C ARG A 304 10.39 10.22 -9.85
N ASP A 305 10.60 11.02 -10.89
CA ASP A 305 9.80 12.20 -11.14
C ASP A 305 8.34 11.80 -11.25
N GLY A 306 7.55 12.54 -10.46
CA GLY A 306 6.11 12.34 -10.42
C GLY A 306 5.59 11.09 -9.69
N VAL A 307 6.48 10.29 -9.12
CA VAL A 307 6.10 8.98 -8.59
C VAL A 307 6.48 8.85 -7.11
N VAL A 308 7.77 8.88 -6.85
CA VAL A 308 8.25 8.66 -5.51
C VAL A 308 9.37 9.64 -5.20
N PHE A 309 9.36 10.12 -3.95
CA PHE A 309 10.17 11.25 -3.49
C PHE A 309 10.83 10.80 -2.20
N THR A 310 12.18 10.89 -2.10
CA THR A 310 12.85 10.35 -0.92
C THR A 310 13.97 11.31 -0.53
N TYR A 311 14.07 11.63 0.76
CA TYR A 311 15.07 12.53 1.30
C TYR A 311 15.77 11.85 2.44
N VAL A 312 17.08 12.12 2.60
CA VAL A 312 17.87 11.62 3.71
C VAL A 312 18.33 12.82 4.55
N VAL A 313 18.61 12.55 5.82
CA VAL A 313 19.36 13.46 6.69
C VAL A 313 20.77 12.89 6.79
N GLU A 314 21.74 13.71 6.34
CA GLU A 314 23.11 13.28 6.41
C GLU A 314 23.89 14.28 7.26
N ASN A 315 24.58 13.71 8.25
CA ASN A 315 25.50 14.49 9.05
CA ASN A 315 25.40 14.39 9.26
C ASN A 315 26.76 13.69 9.36
N ASP A 316 27.87 14.43 9.27
CA ASP A 316 29.22 13.91 9.33
C ASP A 316 29.35 12.80 8.28
N LYS A 317 28.75 13.04 7.10
CA LYS A 317 28.87 12.17 5.92
C LYS A 317 28.20 10.82 6.16
N LYS A 318 27.26 10.78 7.12
CA LYS A 318 26.53 9.55 7.41
C LYS A 318 25.05 9.85 7.23
N VAL A 319 24.33 8.88 6.66
CA VAL A 319 22.89 9.04 6.63
C VAL A 319 22.34 8.53 7.97
N THR A 320 21.55 9.34 8.70
CA THR A 320 21.06 9.00 10.02
C THR A 320 19.54 8.84 10.02
N ASP A 321 18.87 9.47 9.05
CA ASP A 321 17.41 9.41 9.01
C ASP A 321 16.97 9.51 7.54
N PHE A 322 15.71 9.13 7.23
CA PHE A 322 15.21 9.39 5.90
C PHE A 322 13.68 9.31 5.93
N PHE A 323 13.06 9.86 4.88
CA PHE A 323 11.62 9.61 4.69
C PHE A 323 11.35 9.53 3.20
N SER A 324 10.22 8.91 2.85
CA SER A 324 9.81 8.80 1.45
C SER A 324 8.30 9.00 1.41
N PHE A 325 7.82 9.55 0.28
CA PHE A 325 6.38 9.59 0.00
C PHE A 325 6.17 9.32 -1.49
N TYR A 326 4.94 8.85 -1.84
CA TYR A 326 4.64 8.62 -3.25
C TYR A 326 3.34 9.32 -3.62
N ARG A 327 3.11 9.53 -4.94
CA ARG A 327 2.02 10.34 -5.45
C ARG A 327 0.92 9.43 -6.02
N ILE A 328 -0.33 9.61 -5.55
CA ILE A 328 -1.48 9.01 -6.24
C ILE A 328 -2.50 10.11 -6.42
N PRO A 329 -2.67 10.63 -7.63
CA PRO A 329 -3.75 11.60 -7.81
C PRO A 329 -5.10 10.91 -7.93
N SER A 330 -6.16 11.69 -7.73
CA SER A 330 -7.52 11.21 -7.99
C SER A 330 -8.17 12.12 -9.02
N THR A 331 -9.01 11.52 -9.85
CA THR A 331 -9.96 12.26 -10.68
C THR A 331 -11.08 12.87 -9.80
N VAL A 332 -11.30 14.19 -9.92
CA VAL A 332 -12.39 14.89 -9.27
C VAL A 332 -13.57 14.88 -10.23
N ILE A 333 -14.67 14.27 -9.84
CA ILE A 333 -15.78 14.18 -10.79
C ILE A 333 -16.72 15.39 -10.70
N GLY A 334 -16.79 16.28 -11.74
CA GLY A 334 -17.84 17.30 -11.84
C GLY A 334 -17.56 18.67 -11.19
N ASN A 335 -16.29 19.03 -11.02
CA ASN A 335 -15.98 20.32 -10.42
C ASN A 335 -15.52 21.26 -11.54
N SER A 336 -16.12 22.46 -11.59
CA SER A 336 -15.82 23.33 -12.71
C SER A 336 -14.46 24.02 -12.56
N ASN A 337 -13.84 23.94 -11.37
CA ASN A 337 -12.56 24.61 -11.13
C ASN A 337 -11.36 23.66 -11.14
N TYR A 338 -11.58 22.38 -10.75
CA TYR A 338 -10.45 21.45 -10.67
C TYR A 338 -10.78 20.07 -11.24
N ASN A 339 -9.79 19.43 -11.87
CA ASN A 339 -9.97 18.10 -12.42
C ASN A 339 -9.26 17.02 -11.59
N LEU A 340 -8.29 17.42 -10.75
CA LEU A 340 -7.44 16.45 -10.06
C LEU A 340 -7.17 16.86 -8.62
N LEU A 341 -7.10 15.84 -7.76
CA LEU A 341 -6.63 15.92 -6.37
C LEU A 341 -5.22 15.32 -6.31
N ASN A 342 -4.22 16.07 -5.83
CA ASN A 342 -2.84 15.62 -5.89
C ASN A 342 -2.43 15.18 -4.50
N ALA A 343 -2.45 13.86 -4.25
CA ALA A 343 -2.17 13.39 -2.89
C ALA A 343 -0.79 12.77 -2.76
N ALA A 344 -0.12 13.04 -1.65
CA ALA A 344 1.12 12.43 -1.20
C ALA A 344 0.84 11.44 -0.08
N TYR A 345 1.43 10.26 -0.18
CA TYR A 345 1.21 9.18 0.78
C TYR A 345 2.52 8.90 1.48
N VAL A 346 2.49 8.83 2.85
CA VAL A 346 3.69 8.53 3.61
C VAL A 346 4.09 7.10 3.25
N HIS A 347 5.39 6.94 2.94
CA HIS A 347 5.94 5.65 2.52
C HIS A 347 6.77 5.09 3.67
N TYR A 348 7.94 4.55 3.38
CA TYR A 348 8.83 4.14 4.46
C TYR A 348 9.65 5.33 4.98
N TYR A 349 10.12 5.23 6.23
CA TYR A 349 11.00 6.21 6.87
C TYR A 349 11.80 5.52 7.98
N ALA A 350 12.82 6.23 8.50
CA ALA A 350 13.49 5.77 9.71
C ALA A 350 14.10 7.00 10.37
N ALA A 351 13.91 7.14 11.70
CA ALA A 351 14.50 8.24 12.46
C ALA A 351 15.45 7.66 13.50
N THR A 352 16.71 8.18 13.51
CA THR A 352 17.62 7.79 14.59
C THR A 352 18.19 8.99 15.34
N SER A 353 18.12 10.17 14.72
CA SER A 353 18.76 11.38 15.24
C SER A 353 17.80 12.42 15.80
N ILE A 354 16.51 12.35 15.41
CA ILE A 354 15.56 13.41 15.72
C ILE A 354 14.23 12.72 16.00
N PRO A 355 13.30 13.40 16.70
CA PRO A 355 11.98 12.84 16.90
C PRO A 355 11.30 12.66 15.54
N LEU A 356 10.48 11.60 15.47
CA LEU A 356 9.77 11.32 14.22
CA LEU A 356 9.72 11.29 14.25
C LEU A 356 8.91 12.50 13.78
N HIS A 357 8.19 13.19 14.69
CA HIS A 357 7.43 14.37 14.29
C HIS A 357 8.26 15.45 13.58
N GLN A 358 9.54 15.60 14.01
CA GLN A 358 10.40 16.59 13.35
C GLN A 358 10.85 16.13 11.96
N LEU A 359 11.06 14.81 11.82
CA LEU A 359 11.39 14.27 10.48
C LEU A 359 10.18 14.44 9.53
N ILE A 360 8.98 14.06 10.00
CA ILE A 360 7.83 14.07 9.10
C ILE A 360 7.31 15.49 8.83
N LEU A 361 7.60 16.48 9.72
CA LEU A 361 7.29 17.86 9.34
C LEU A 361 8.01 18.27 8.05
N ASP A 362 9.24 17.79 7.93
CA ASP A 362 9.94 18.09 6.68
C ASP A 362 9.29 17.39 5.47
N LEU A 363 8.73 16.18 5.64
CA LEU A 363 7.93 15.56 4.59
C LEU A 363 6.77 16.48 4.18
N LEU A 364 5.99 17.01 5.16
CA LEU A 364 4.89 17.89 4.84
C LEU A 364 5.39 19.14 4.11
N ILE A 365 6.55 19.68 4.54
CA ILE A 365 7.10 20.91 3.95
C ILE A 365 7.46 20.67 2.48
N VAL A 366 8.19 19.57 2.26
CA VAL A 366 8.55 19.19 0.90
C VAL A 366 7.32 18.95 0.02
N ALA A 367 6.36 18.15 0.51
CA ALA A 367 5.19 17.87 -0.29
C ALA A 367 4.45 19.16 -0.67
N HIS A 368 4.26 20.05 0.31
CA HIS A 368 3.55 21.28 0.07
C HIS A 368 4.28 22.10 -1.01
N SER A 369 5.60 22.21 -0.88
CA SER A 369 6.36 23.02 -1.82
C SER A 369 6.34 22.45 -3.24
N ARG A 370 6.08 21.16 -3.36
CA ARG A 370 6.04 20.43 -4.65
C ARG A 370 4.62 20.37 -5.21
N GLY A 371 3.68 21.07 -4.61
CA GLY A 371 2.36 21.16 -5.21
C GLY A 371 1.35 20.10 -4.79
N PHE A 372 1.67 19.32 -3.74
CA PHE A 372 0.67 18.38 -3.25
C PHE A 372 -0.44 19.02 -2.43
N ASP A 373 -1.65 18.46 -2.48
CA ASP A 373 -2.83 19.06 -1.85
C ASP A 373 -3.11 18.51 -0.45
N VAL A 374 -2.70 17.26 -0.19
CA VAL A 374 -3.03 16.58 1.07
C VAL A 374 -1.98 15.48 1.19
N CYS A 375 -1.65 15.11 2.41
CA CYS A 375 -0.80 14.00 2.76
C CYS A 375 -1.64 12.94 3.47
N ASN A 376 -1.62 11.71 2.94
CA ASN A 376 -2.40 10.59 3.50
C ASN A 376 -1.49 9.51 4.11
N MET A 377 -2.07 8.74 5.05
CA MET A 377 -1.35 7.57 5.59
C MET A 377 -2.35 6.70 6.33
N VAL A 378 -1.95 5.48 6.61
CA VAL A 378 -2.70 4.59 7.49
C VAL A 378 -1.94 4.52 8.82
N GLU A 379 -2.65 4.23 9.92
CA GLU A 379 -2.02 4.17 11.24
C GLU A 379 -1.15 2.94 11.42
N ILE A 380 -0.38 2.53 10.41
CA ILE A 380 0.65 1.50 10.59
C ILE A 380 1.98 2.12 11.03
N LEU A 381 3.01 1.26 11.15
CA LEU A 381 4.34 1.75 11.58
C LEU A 381 4.20 2.54 12.89
N ASP A 382 4.88 3.68 13.04
CA ASP A 382 4.70 4.52 14.21
C ASP A 382 3.98 5.80 13.77
N ASN A 383 3.09 5.66 12.74
CA ASN A 383 2.37 6.84 12.23
C ASN A 383 1.49 7.55 13.27
N ARG A 384 0.98 6.81 14.28
CA ARG A 384 0.18 7.46 15.33
C ARG A 384 0.99 8.46 16.14
N SER A 385 2.32 8.35 16.13
CA SER A 385 3.12 9.17 17.03
CA SER A 385 3.19 9.16 16.99
C SER A 385 3.21 10.62 16.60
N PHE A 386 2.80 10.95 15.37
CA PHE A 386 2.94 12.32 14.94
C PHE A 386 1.61 12.91 14.47
N VAL A 387 0.51 12.17 14.63
CA VAL A 387 -0.79 12.65 14.15
C VAL A 387 -1.14 14.00 14.76
N GLU A 388 -1.10 14.14 16.12
CA GLU A 388 -1.68 15.34 16.70
C GLU A 388 -0.78 16.56 16.48
N GLN A 389 0.53 16.36 16.61
CA GLN A 389 1.37 17.54 16.53
C GLN A 389 1.37 18.07 15.10
N LEU A 390 1.25 17.15 14.14
CA LEU A 390 1.36 17.56 12.75
C LEU A 390 -0.01 17.77 12.08
N LYS A 391 -1.07 17.79 12.90
CA LYS A 391 -2.39 18.22 12.45
CA LYS A 391 -2.42 18.18 12.48
C LYS A 391 -2.96 17.27 11.38
N PHE A 392 -2.69 15.97 11.54
CA PHE A 392 -3.44 14.95 10.78
C PHE A 392 -4.80 14.78 11.45
N GLY A 393 -5.82 14.53 10.63
CA GLY A 393 -7.15 14.18 11.11
C GLY A 393 -7.53 12.78 10.63
N ALA A 394 -8.23 11.96 11.43
CA ALA A 394 -8.76 10.68 10.97
C ALA A 394 -9.76 10.89 9.83
N GLY A 395 -9.64 10.03 8.81
CA GLY A 395 -10.62 9.92 7.74
C GLY A 395 -11.74 8.92 8.08
N ASP A 396 -12.67 8.71 7.14
CA ASP A 396 -13.79 7.79 7.23
CA ASP A 396 -13.72 7.74 7.43
C ASP A 396 -13.35 6.37 6.89
N GLY A 397 -12.22 6.26 6.24
CA GLY A 397 -11.83 5.00 5.65
C GLY A 397 -10.88 4.17 6.52
N HIS A 398 -10.81 2.88 6.19
CA HIS A 398 -9.93 1.96 6.90
C HIS A 398 -9.23 1.13 5.84
N LEU A 399 -8.01 0.70 6.11
CA LEU A 399 -7.37 -0.29 5.27
C LEU A 399 -7.26 -1.61 6.04
N ARG A 400 -7.73 -2.71 5.45
CA ARG A 400 -7.67 -4.02 6.08
C ARG A 400 -6.57 -4.84 5.40
N TYR A 401 -5.79 -5.56 6.23
CA TYR A 401 -4.69 -6.42 5.81
C TYR A 401 -5.13 -7.86 5.87
N TYR A 402 -4.80 -8.58 4.80
CA TYR A 402 -5.20 -9.98 4.63
C TYR A 402 -4.02 -10.84 4.17
N PHE A 403 -4.07 -12.12 4.55
CA PHE A 403 -3.27 -13.15 3.93
C PHE A 403 -4.15 -14.20 3.24
N TYR A 404 -3.61 -14.76 2.18
CA TYR A 404 -4.18 -15.94 1.54
C TYR A 404 -3.36 -17.15 1.98
N ASN A 405 -4.03 -18.17 2.51
CA ASN A 405 -3.36 -19.44 2.88
C ASN A 405 -2.36 -19.24 4.02
N TRP A 406 -2.70 -18.44 5.02
CA TRP A 406 -1.84 -18.19 6.15
C TRP A 406 -2.70 -17.89 7.36
N ALA A 407 -2.63 -18.77 8.37
CA ALA A 407 -3.25 -18.46 9.63
C ALA A 407 -2.38 -17.48 10.42
N TYR A 408 -3.00 -16.45 10.96
CA TYR A 408 -2.22 -15.44 11.69
C TYR A 408 -3.08 -14.85 12.81
N PRO A 409 -2.55 -14.74 14.03
CA PRO A 409 -3.27 -14.09 15.12
C PRO A 409 -3.56 -12.62 14.80
N LYS A 410 -4.66 -12.08 15.32
CA LYS A 410 -4.96 -10.67 15.11
C LYS A 410 -3.84 -9.82 15.70
N ILE A 411 -3.38 -8.79 14.96
CA ILE A 411 -2.42 -7.83 15.47
C ILE A 411 -2.96 -6.42 15.30
N LYS A 412 -2.45 -5.51 16.12
CA LYS A 412 -2.72 -4.09 16.02
C LYS A 412 -2.06 -3.54 14.74
N PRO A 413 -2.63 -2.49 14.11
CA PRO A 413 -1.98 -1.95 12.92
C PRO A 413 -0.60 -1.36 13.23
N SER A 414 -0.32 -1.01 14.50
CA SER A 414 0.99 -0.45 14.88
C SER A 414 2.03 -1.59 15.00
N GLN A 415 1.65 -2.81 14.68
CA GLN A 415 2.57 -3.93 14.56
C GLN A 415 2.78 -4.32 13.09
N VAL A 416 2.24 -3.51 12.14
CA VAL A 416 2.36 -3.77 10.71
C VAL A 416 3.33 -2.75 10.10
N ALA A 417 4.28 -3.26 9.31
CA ALA A 417 5.29 -2.41 8.67
C ALA A 417 5.28 -2.51 7.16
N LEU A 418 4.29 -3.19 6.56
CA LEU A 418 4.23 -3.28 5.08
C LEU A 418 3.34 -2.16 4.55
N VAL A 419 3.93 -1.28 3.72
CA VAL A 419 3.16 -0.30 2.97
C VAL A 419 2.71 -0.92 1.65
N MET A 420 1.41 -0.81 1.33
CA MET A 420 0.95 -1.29 0.05
CA MET A 420 0.85 -1.31 0.08
C MET A 420 0.43 -0.11 -0.76
N LEU A 421 0.83 -0.10 -2.04
CA LEU A 421 0.68 1.07 -2.92
C LEU A 421 -0.78 1.18 -3.41
S1 MYA B . -8.62 -4.22 -3.37
C2 MYA B . -9.24 -3.11 -4.62
C3 MYA B . -10.38 -3.81 -5.38
N4 MYA B . -10.83 -2.97 -6.54
C5 MYA B . -11.86 -2.17 -6.53
O5 MYA B . -12.54 -1.96 -5.52
C6 MYA B . -12.06 -1.47 -7.87
C7 MYA B . -13.57 -1.22 -8.08
N8 MYA B . -14.35 -2.49 -8.05
C9 MYA B . -14.22 -3.47 -8.92
O9 MYA B . -13.42 -3.44 -9.85
C10 MYA B . -15.06 -4.67 -8.65
O10 MYA B . -16.19 -4.33 -7.82
C11 MYA B . -14.35 -5.89 -7.99
C12 MYA B . -15.32 -7.02 -7.61
C13 MYA B . -13.60 -5.48 -6.69
C14 MYA B . -13.28 -6.46 -8.93
N1A MYA B . -11.17 -8.36 -3.01
O1A MYA B . -17.09 -10.37 -9.92
P1A MYA B . -17.99 -10.35 -8.83
C1X MYA B . -15.64 -10.76 -3.88
C2A MYA B . -11.50 -9.70 -2.96
O2A MYA B . -19.43 -10.79 -9.15
P2A MYA B . -17.56 -7.45 -8.89
C2M MYA B . -7.41 -5.15 -4.18
O2M MYA B . -7.04 -4.87 -5.34
C2X MYA B . -17.05 -10.73 -3.29
O2X MYA B . -16.97 -10.83 -1.90
N3A MYA B . -12.72 -10.19 -3.20
O3A MYA B . -18.00 -8.81 -8.21
C3M MYA B . -6.99 -6.38 -3.37
C3X MYA B . -17.64 -11.97 -3.98
O3X MYA B . -17.22 -13.20 -3.38
P3X MYA B . -18.24 -13.96 -2.40
C4A MYA B . -13.69 -9.28 -3.51
O4A MYA B . -18.13 -6.40 -7.94
C4M MYA B . -7.57 -7.61 -4.12
C4X MYA B . -17.07 -11.86 -5.35
O4X MYA B . -15.91 -10.97 -5.23
C5A MYA B . -13.43 -7.94 -3.50
O5A MYA B . -17.88 -7.38 -10.31
C5M MYA B . -7.28 -8.93 -3.39
C5X MYA B . -18.00 -11.24 -6.35
O5X MYA B . -17.41 -11.16 -7.60
C6A MYA B . -12.13 -7.47 -3.22
N6A MYA B . -11.80 -6.12 -3.20
O6A MYA B . -15.94 -7.38 -8.85
C6M MYA B . -7.95 -10.12 -4.18
N7A MYA B . -14.59 -7.31 -3.84
O7A MYA B . -18.51 -12.95 -1.31
C7M MYA B . -7.79 -11.49 -3.45
C8A MYA B . -15.56 -8.24 -3.99
O8A MYA B . -19.45 -14.24 -3.28
C8M MYA B . -6.36 -11.97 -3.64
N9A MYA B . -15.02 -9.44 -3.79
O9A MYA B . -17.53 -15.16 -1.82
C9M MYA B . -6.22 -13.39 -3.01
CAM MYA B . -4.78 -13.96 -3.18
CBM MYA B . -4.54 -14.44 -4.61
CCM MYA B . -3.13 -15.06 -4.90
CDM MYA B . -2.83 -16.25 -3.97
CEM MYA B . -1.43 -16.76 -4.34
CFM MYA B . -0.98 -17.87 -3.40
C21 HXQ C . -4.84 -0.22 -2.56
C22 HXQ C . -6.94 0.82 -3.32
C23 HXQ C . -6.40 2.22 -3.11
C12 HXQ C . -11.74 8.09 0.60
C13 HXQ C . -12.69 7.00 0.99
C14 HXQ C . -11.39 7.89 -2.00
C16 HXQ C . -9.44 11.16 1.23
C17 HXQ C . -4.60 4.34 -1.97
C19 HXQ C . -5.41 1.59 -0.98
C1 HXQ C . -9.86 2.54 0.70
N1 HXQ C . -7.72 4.00 -0.04
C2 HXQ C . -10.46 4.31 2.37
C3 HXQ C . -8.57 4.58 0.81
C4 HXQ C . -6.60 4.61 -0.51
C5 HXQ C . -7.16 6.60 0.67
C6 HXQ C . -6.93 7.92 1.13
C7 HXQ C . -7.84 8.52 2.07
O1 HXQ C . -9.07 9.78 3.91
S HXQ C . -9.98 8.79 3.64
O HXQ C . -10.41 7.98 4.75
N3 HXQ C . -11.23 9.27 2.79
C11 HXQ C . -11.11 9.13 1.46
C15 HXQ C . -10.24 10.03 0.68
N5 HXQ C . -10.35 9.57 -0.60
N4 HXQ C . -11.23 8.43 -0.62
C8 HXQ C . -9.00 7.92 2.61
C9 HXQ C . -9.23 6.61 2.17
C10 HXQ C . -8.35 5.96 1.25
N HXQ C . -9.63 3.85 1.28
C HXQ C . -8.90 1.58 1.35
N2 HXQ C . -6.32 5.90 -0.19
N6 HXQ C . -5.83 3.88 -1.37
C18 HXQ C . -6.38 2.53 -1.61
N7 HXQ C . -6.27 -0.12 -2.37
C20 HXQ C . -6.27 0.33 -0.98
C12 HZ5 D . -11.13 7.96 -2.37
C13 HZ5 D . -11.63 6.60 -1.92
C14 HZ5 D . -10.40 7.74 -4.84
C16 HZ5 D . -10.20 11.69 -1.85
O1 HZ5 D . -11.36 8.76 2.25
S HZ5 D . -10.60 9.34 1.16
O HZ5 D . -10.18 10.67 1.36
N3 HZ5 D . -11.47 9.25 -0.22
C11 HZ5 D . -11.03 9.17 -1.53
C15 HZ5 D . -10.43 10.28 -2.31
N5 HZ5 D . -10.20 9.71 -3.51
N4 HZ5 D . -10.63 8.38 -3.52
C21 HZ8 E . -6.47 -1.57 -2.80
C22 HZ8 E . -5.53 0.12 -1.24
C23 HZ8 E . -5.10 1.60 -1.16
C17 HZ8 E . -4.61 4.34 -2.00
C19 HZ8 E . -6.48 2.14 -3.09
C1 HZ8 E . -9.86 2.56 0.74
N1 HZ8 E . -7.71 3.97 -0.05
C2 HZ8 E . -10.40 4.41 2.37
C3 HZ8 E . -8.51 4.59 0.80
C4 HZ8 E . -6.58 4.56 -0.54
C5 HZ8 E . -6.96 6.55 0.63
C6 HZ8 E . -6.57 7.85 1.02
C7 HZ8 E . -7.36 8.55 1.95
C8 HZ8 E . -8.50 7.98 2.51
C9 HZ8 E . -8.91 6.70 2.15
C10 HZ8 E . -8.16 5.96 1.23
N HZ8 E . -9.59 3.89 1.29
C HZ8 E . -8.90 1.58 1.36
N2 HZ8 E . -6.21 5.81 -0.23
N6 HZ8 E . -5.82 3.82 -1.41
C18 HZ8 E . -6.29 2.43 -1.60
N7 HZ8 E . -5.81 -0.22 -2.68
C20 HZ8 E . -6.79 0.68 -3.33
MG MG F . -18.13 -9.54 -12.52
#